data_5MPQ
#
_entry.id   5MPQ
#
_cell.length_a   65.834
_cell.length_b   71.561
_cell.length_c   121.123
_cell.angle_alpha   90.000
_cell.angle_beta   90.000
_cell.angle_gamma   90.000
#
_symmetry.space_group_name_H-M   'P 21 21 21'
#
loop_
_entity.id
_entity.type
_entity.pdbx_description
1 polymer Transglycosylase
2 non-polymer 4-O-(4-O-SULFONYL-N-ACETYLGLUCOSAMININYL)-5-METHYLHYDROXY-L-PROLINE-TAURINE
3 non-polymer 'MAGNESIUM ION'
4 non-polymer '2-[N-CYCLOHEXYLAMINO]ETHANE SULFONIC ACID'
5 water water
#
_entity_poly.entity_id   1
_entity_poly.type   'polypeptide(L)'
_entity_poly.pdbx_seq_one_letter_code
;DLSASVPTRPAEPERKTLADYGGYPSALDAVKQKNDAAVAAYLENAGDSAMAENVRNEWLKSLGARRQWTLFAQEYAKLE
PAGRAQEVECYADSSRNDYTRAAELVKNTGKLPSGCTKLLEQAAASGLLDGNDAWRRVRGLLAGRQTTDARNLAAALGSP
FDGGTQGSREYALLNVIGKEARKSPNAAALLSEMESGLSLEQRSFAWGVLGHYQSQNLNVPAALDYYGKVADRRQLTDDQ
IEWYARAALRARRWDELASVISHMPEKLQKSPTWLYWLARSRAATGNTQEAEKLYKQAAATGRNFYAVLAGEELGRKIDT
RNNVPDAGKNSVRRMAEDGAVKRALVLFQNSQSAGDAKMRRQAQAEWRFATRGFDEDKLLTAAQTAFDHGFYDMAVNSAE
RTDRKLNYTLRYISPFKDTVIRHAQNVNVDPAWVYGLIRQESRFVIGAQSRVGAQGLMQVMPATAREIAGKIGMDAAQLY
TADGNIRMGTWYMADTKRRLQNNEVLATAGYNAGPGRARRWQADTPLEGAVYAETIPFSETRDYVKKVMANAAYYAALFG
APHIPLKQRMGIVPAR
;
_entity_poly.pdbx_strand_id   A
#
loop_
_chem_comp.id
_chem_comp.type
_chem_comp.name
_chem_comp.formula
BLG non-polymer 4-O-(4-O-SULFONYL-N-ACETYLGLUCOSAMININYL)-5-METHYLHYDROXY-L-PROLINE-TAURINE 'C16 H30 N3 O14 S2 1'
MG non-polymer 'MAGNESIUM ION' 'Mg 2'
NHE non-polymer '2-[N-CYCLOHEXYLAMINO]ETHANE SULFONIC ACID' 'C8 H17 N O3 S'
#
# COMPACT_ATOMS: atom_id res chain seq x y z
N ASP A 1 -2.95 12.76 30.76
CA ASP A 1 -4.29 12.22 30.61
C ASP A 1 -4.86 12.61 29.24
N LEU A 2 -5.72 11.77 28.68
CA LEU A 2 -6.34 12.07 27.40
C LEU A 2 -7.25 13.28 27.54
N SER A 3 -7.18 14.16 26.55
CA SER A 3 -8.13 15.28 26.49
C SER A 3 -9.55 14.75 26.31
N ALA A 4 -10.48 15.31 27.06
CA ALA A 4 -11.89 14.98 26.92
C ALA A 4 -12.57 15.77 25.81
N SER A 5 -11.81 16.59 25.07
CA SER A 5 -12.39 17.39 24.00
C SER A 5 -12.87 16.50 22.85
N VAL A 6 -14.10 16.71 22.41
CA VAL A 6 -14.63 16.00 21.26
C VAL A 6 -15.24 17.04 20.33
N PRO A 7 -15.19 16.84 19.02
CA PRO A 7 -15.86 17.77 18.10
C PRO A 7 -17.37 17.67 18.26
N THR A 8 -18.05 18.73 17.80
CA THR A 8 -19.51 18.85 17.94
C THR A 8 -20.12 19.41 16.65
N ARG A 9 -19.69 18.87 15.51
CA ARG A 9 -20.25 19.27 14.24
C ARG A 9 -21.74 18.94 14.19
N PRO A 10 -22.54 19.71 13.42
CA PRO A 10 -23.99 19.53 13.49
C PRO A 10 -24.38 18.12 13.07
N ALA A 11 -25.30 17.53 13.82
CA ALA A 11 -25.71 16.15 13.57
C ALA A 11 -27.03 16.14 12.83
N GLU A 12 -27.36 14.99 12.26
CA GLU A 12 -28.60 14.77 11.52
C GLU A 12 -29.25 13.51 12.05
N PRO A 13 -30.56 13.38 11.88
CA PRO A 13 -31.24 12.20 12.40
C PRO A 13 -30.83 10.95 11.64
N GLU A 14 -30.90 9.81 12.34
CA GLU A 14 -30.57 8.53 11.71
C GLU A 14 -31.33 8.34 10.41
N ARG A 15 -32.60 8.76 10.38
CA ARG A 15 -33.39 8.60 9.16
C ARG A 15 -32.82 9.43 8.00
N LYS A 16 -32.28 10.61 8.29
CA LYS A 16 -31.75 11.44 7.19
C LYS A 16 -30.50 10.82 6.59
N THR A 17 -29.60 10.29 7.43
CA THR A 17 -28.40 9.63 6.93
C THR A 17 -28.76 8.43 6.07
N LEU A 18 -29.69 7.59 6.56
CA LEU A 18 -30.17 6.45 5.78
C LEU A 18 -30.82 6.90 4.48
N ALA A 19 -31.56 8.01 4.49
CA ALA A 19 -32.18 8.49 3.28
C ALA A 19 -31.14 9.00 2.30
N ASP A 20 -30.11 9.69 2.80
CA ASP A 20 -29.04 10.16 1.92
C ASP A 20 -28.24 8.98 1.35
N TYR A 21 -27.98 7.95 2.15
CA TYR A 21 -27.31 6.79 1.58
C TYR A 21 -28.20 6.06 0.59
N GLY A 22 -29.52 6.10 0.82
CA GLY A 22 -30.46 5.52 -0.13
C GLY A 22 -30.21 5.97 -1.56
N GLY A 23 -29.76 7.21 -1.73
CA GLY A 23 -29.51 7.76 -3.04
C GLY A 23 -28.04 7.88 -3.42
N TYR A 24 -27.13 7.50 -2.54
CA TYR A 24 -25.71 7.54 -2.88
C TYR A 24 -25.40 6.70 -4.12
N PRO A 25 -25.80 5.43 -4.22
CA PRO A 25 -25.45 4.66 -5.44
C PRO A 25 -26.00 5.28 -6.72
N SER A 26 -27.21 5.85 -6.67
CA SER A 26 -27.80 6.48 -7.84
C SER A 26 -27.05 7.75 -8.22
N ALA A 27 -26.60 8.51 -7.22
CA ALA A 27 -25.77 9.67 -7.53
C ALA A 27 -24.50 9.26 -8.26
N LEU A 28 -23.88 8.16 -7.81
CA LEU A 28 -22.66 7.71 -8.48
C LEU A 28 -22.93 7.28 -9.91
N ASP A 29 -24.01 6.53 -10.13
CA ASP A 29 -24.39 6.18 -11.49
C ASP A 29 -24.76 7.41 -12.30
N ALA A 30 -25.36 8.42 -11.66
CA ALA A 30 -25.66 9.65 -12.37
C ALA A 30 -24.38 10.34 -12.85
N VAL A 31 -23.28 10.20 -12.10
CA VAL A 31 -22.02 10.77 -12.60
C VAL A 31 -21.56 10.02 -13.84
N LYS A 32 -21.62 8.68 -13.80
CA LYS A 32 -21.23 7.90 -14.96
C LYS A 32 -22.13 8.19 -16.15
N GLN A 33 -23.41 8.46 -15.91
CA GLN A 33 -24.33 8.78 -16.99
C GLN A 33 -24.19 10.22 -17.46
N LYS A 34 -23.30 11.01 -16.84
CA LYS A 34 -23.12 12.43 -17.16
C LYS A 34 -24.42 13.21 -16.96
N ASN A 35 -25.22 12.78 -16.00
CA ASN A 35 -26.48 13.43 -15.64
C ASN A 35 -26.17 14.48 -14.58
N ASP A 36 -25.76 15.66 -15.05
CA ASP A 36 -25.30 16.69 -14.14
C ASP A 36 -26.43 17.27 -13.29
N ALA A 37 -27.64 17.37 -13.85
CA ALA A 37 -28.78 17.81 -13.06
C ALA A 37 -29.03 16.86 -11.90
N ALA A 38 -28.95 15.55 -12.15
CA ALA A 38 -29.13 14.54 -11.10
C ALA A 38 -28.10 14.67 -9.99
N VAL A 39 -26.85 14.90 -10.35
CA VAL A 39 -25.78 14.98 -9.36
C VAL A 39 -25.93 16.25 -8.51
N ALA A 40 -26.15 17.39 -9.17
CA ALA A 40 -26.31 18.64 -8.44
C ALA A 40 -27.46 18.52 -7.43
N ALA A 41 -28.54 17.86 -7.83
CA ALA A 41 -29.69 17.67 -6.95
C ALA A 41 -29.33 16.85 -5.74
N TYR A 42 -28.69 15.71 -5.97
CA TYR A 42 -28.26 14.89 -4.85
C TYR A 42 -27.40 15.70 -3.87
N LEU A 43 -26.55 16.59 -4.41
CA LEU A 43 -25.58 17.28 -3.56
C LEU A 43 -26.16 18.52 -2.89
N GLU A 44 -27.15 19.18 -3.50
CA GLU A 44 -27.46 20.56 -3.11
C GLU A 44 -27.72 20.73 -1.63
N ASN A 45 -28.29 19.72 -0.97
CA ASN A 45 -28.42 19.72 0.48
C ASN A 45 -28.09 18.33 1.02
N ALA A 46 -26.96 17.79 0.60
CA ALA A 46 -26.36 16.68 1.31
C ALA A 46 -25.74 17.17 2.61
N GLY A 47 -25.62 16.28 3.58
CA GLY A 47 -24.82 16.58 4.74
C GLY A 47 -23.38 16.88 4.34
N ASP A 48 -22.61 17.41 5.30
CA ASP A 48 -21.18 17.56 5.10
C ASP A 48 -20.52 16.21 5.35
N SER A 49 -20.66 15.33 4.37
CA SER A 49 -20.43 13.90 4.56
C SER A 49 -19.41 13.39 3.57
N ALA A 50 -18.96 12.15 3.79
CA ALA A 50 -18.17 11.47 2.78
C ALA A 50 -19.03 11.10 1.59
N MET A 51 -20.33 10.86 1.80
CA MET A 51 -21.18 10.62 0.65
C MET A 51 -21.12 11.78 -0.32
N ALA A 52 -21.27 13.00 0.19
CA ALA A 52 -21.23 14.19 -0.67
C ALA A 52 -19.85 14.40 -1.27
N GLU A 53 -18.80 14.25 -0.46
CA GLU A 53 -17.42 14.39 -0.94
C GLU A 53 -17.07 13.36 -2.00
N ASN A 54 -17.48 12.11 -1.79
CA ASN A 54 -17.22 11.06 -2.78
C ASN A 54 -17.92 11.36 -4.10
N VAL A 55 -19.20 11.68 -4.04
CA VAL A 55 -19.95 12.03 -5.26
C VAL A 55 -19.35 13.26 -5.91
N ARG A 56 -18.90 14.23 -5.12
CA ARG A 56 -18.38 15.46 -5.72
C ARG A 56 -17.03 15.20 -6.40
N ASN A 57 -16.17 14.42 -5.76
CA ASN A 57 -14.90 14.03 -6.39
C ASN A 57 -15.13 13.31 -7.70
N GLU A 58 -16.00 12.29 -7.71
CA GLU A 58 -16.22 11.55 -8.94
C GLU A 58 -16.86 12.43 -10.00
N TRP A 59 -17.78 13.30 -9.58
CA TRP A 59 -18.36 14.28 -10.49
C TRP A 59 -17.28 15.16 -11.12
N LEU A 60 -16.33 15.64 -10.31
CA LEU A 60 -15.34 16.59 -10.80
C LEU A 60 -14.41 15.93 -11.81
N LYS A 61 -14.04 14.66 -11.60
CA LYS A 61 -13.28 13.93 -12.60
C LYS A 61 -14.02 13.88 -13.92
N SER A 62 -15.35 13.74 -13.88
CA SER A 62 -16.11 13.69 -15.10
C SER A 62 -16.22 15.07 -15.73
N LEU A 63 -16.41 16.10 -14.90
CA LEU A 63 -16.47 17.47 -15.40
C LEU A 63 -15.12 17.87 -15.99
N GLY A 64 -14.03 17.49 -15.34
CA GLY A 64 -12.71 17.81 -15.85
C GLY A 64 -12.44 17.14 -17.19
N ALA A 65 -12.82 15.87 -17.30
CA ALA A 65 -12.64 15.16 -18.55
C ALA A 65 -13.50 15.75 -19.67
N ARG A 66 -14.67 16.29 -19.33
CA ARG A 66 -15.60 16.91 -20.27
C ARG A 66 -15.40 18.41 -20.44
N ARG A 67 -14.39 18.99 -19.79
CA ARG A 67 -14.08 20.42 -19.88
C ARG A 67 -15.28 21.30 -19.54
N GLN A 68 -16.14 20.87 -18.61
CA GLN A 68 -17.19 21.73 -18.08
C GLN A 68 -16.59 22.59 -16.96
N TRP A 69 -15.73 23.54 -17.37
CA TRP A 69 -14.85 24.20 -16.42
C TRP A 69 -15.59 25.17 -15.49
N THR A 70 -16.65 25.81 -15.98
CA THR A 70 -17.48 26.64 -15.09
C THR A 70 -18.05 25.82 -13.96
N LEU A 71 -18.73 24.71 -14.31
CA LEU A 71 -19.32 23.87 -13.27
C LEU A 71 -18.24 23.27 -12.39
N PHE A 72 -17.15 22.80 -13.02
CA PHE A 72 -16.00 22.29 -12.26
C PHE A 72 -15.58 23.26 -11.17
N ALA A 73 -15.32 24.52 -11.55
CA ALA A 73 -14.72 25.46 -10.61
C ALA A 73 -15.67 25.77 -9.45
N GLN A 74 -16.97 25.87 -9.74
CA GLN A 74 -17.96 26.01 -8.67
C GLN A 74 -17.91 24.84 -7.70
N GLU A 75 -17.80 23.62 -8.22
CA GLU A 75 -17.86 22.46 -7.34
C GLU A 75 -16.52 22.20 -6.67
N TYR A 76 -15.41 22.50 -7.34
CA TYR A 76 -14.11 22.35 -6.70
C TYR A 76 -14.04 23.19 -5.43
N ALA A 77 -14.67 24.36 -5.44
CA ALA A 77 -14.68 25.26 -4.29
C ALA A 77 -15.40 24.66 -3.09
N LYS A 78 -16.25 23.66 -3.30
CA LYS A 78 -16.98 23.03 -2.21
C LYS A 78 -16.26 21.83 -1.61
N LEU A 79 -15.12 21.42 -2.19
CA LEU A 79 -14.31 20.36 -1.62
C LEU A 79 -13.40 20.91 -0.55
N GLU A 80 -13.29 20.18 0.56
CA GLU A 80 -12.29 20.50 1.55
C GLU A 80 -10.92 20.06 1.04
N PRO A 81 -9.88 20.88 1.20
CA PRO A 81 -8.57 20.54 0.61
C PRO A 81 -8.08 19.14 0.97
N ALA A 82 -8.29 18.71 2.20
CA ALA A 82 -7.87 17.36 2.57
C ALA A 82 -8.67 16.29 1.84
N GLY A 83 -9.84 16.63 1.31
CA GLY A 83 -10.73 15.68 0.67
C GLY A 83 -10.70 15.64 -0.84
N ARG A 84 -9.73 16.31 -1.49
CA ARG A 84 -9.65 16.33 -2.94
C ARG A 84 -8.93 15.08 -3.45
N ALA A 85 -9.55 14.38 -4.39
CA ALA A 85 -8.84 13.27 -5.02
C ALA A 85 -7.68 13.82 -5.85
N GLN A 86 -6.67 12.99 -6.06
CA GLN A 86 -5.49 13.46 -6.77
C GLN A 86 -5.83 13.94 -8.18
N GLU A 87 -6.66 13.20 -8.92
CA GLU A 87 -6.97 13.58 -10.28
C GLU A 87 -7.76 14.89 -10.33
N VAL A 88 -8.60 15.13 -9.31
CA VAL A 88 -9.33 16.39 -9.22
C VAL A 88 -8.38 17.54 -8.99
N GLU A 89 -7.38 17.35 -8.12
CA GLU A 89 -6.36 18.37 -7.94
C GLU A 89 -5.64 18.63 -9.25
N CYS A 90 -5.42 17.58 -10.04
CA CYS A 90 -4.74 17.73 -11.33
C CYS A 90 -5.56 18.57 -12.29
N TYR A 91 -6.85 18.23 -12.46
CA TYR A 91 -7.73 19.02 -13.31
C TYR A 91 -7.79 20.48 -12.86
N ALA A 92 -7.94 20.71 -11.55
CA ALA A 92 -8.00 22.07 -11.04
C ALA A 92 -6.72 22.84 -11.39
N ASP A 93 -5.57 22.23 -11.16
CA ASP A 93 -4.32 22.93 -11.42
C ASP A 93 -4.12 23.19 -12.90
N SER A 94 -4.53 22.27 -13.76
N SER A 94 -4.54 22.26 -13.75
CA SER A 94 -4.45 22.52 -15.20
CA SER A 94 -4.48 22.49 -15.19
C SER A 94 -5.37 23.66 -15.61
C SER A 94 -5.37 23.65 -15.61
N SER A 95 -6.54 23.78 -14.96
CA SER A 95 -7.41 24.91 -15.28
C SER A 95 -6.78 26.22 -14.85
N ARG A 96 -5.99 26.20 -13.77
CA ARG A 96 -5.33 27.40 -13.30
C ARG A 96 -4.00 27.65 -14.00
N ASN A 97 -3.58 26.74 -14.88
CA ASN A 97 -2.31 26.84 -15.59
C ASN A 97 -1.14 26.82 -14.61
N ASP A 98 -1.31 26.06 -13.52
CA ASP A 98 -0.36 26.02 -12.41
C ASP A 98 0.28 24.65 -12.42
N TYR A 99 1.58 24.61 -12.71
CA TYR A 99 2.26 23.34 -12.88
C TYR A 99 3.30 23.11 -11.78
N THR A 100 3.07 23.70 -10.61
CA THR A 100 3.96 23.46 -9.48
C THR A 100 3.92 21.99 -9.04
N ARG A 101 2.74 21.40 -8.98
CA ARG A 101 2.64 19.99 -8.65
C ARG A 101 3.25 19.10 -9.72
N ALA A 102 3.39 19.61 -10.95
CA ALA A 102 3.90 18.80 -12.04
C ALA A 102 5.35 18.40 -11.83
N ALA A 103 6.14 19.25 -11.14
CA ALA A 103 7.54 18.90 -10.90
C ALA A 103 7.66 17.63 -10.06
N GLU A 104 6.74 17.44 -9.11
CA GLU A 104 6.75 16.22 -8.31
C GLU A 104 6.05 15.07 -9.04
N LEU A 105 4.91 15.35 -9.67
CA LEU A 105 4.16 14.32 -10.39
C LEU A 105 4.99 13.66 -11.49
N VAL A 106 5.75 14.45 -12.24
CA VAL A 106 6.51 13.94 -13.37
C VAL A 106 7.53 12.91 -12.92
N LYS A 107 7.93 12.94 -11.65
CA LYS A 107 8.83 11.93 -11.11
C LYS A 107 8.20 10.54 -11.07
N ASN A 108 6.89 10.44 -11.22
CA ASN A 108 6.21 9.15 -11.28
C ASN A 108 6.29 8.62 -12.70
N THR A 109 6.80 7.39 -12.85
CA THR A 109 7.05 6.81 -14.16
C THR A 109 5.98 5.82 -14.60
N GLY A 110 4.93 5.61 -13.81
CA GLY A 110 3.88 4.66 -14.14
C GLY A 110 2.61 5.34 -14.60
N LYS A 111 1.55 4.53 -14.69
CA LYS A 111 0.25 5.01 -15.11
C LYS A 111 -0.33 5.95 -14.05
N LEU A 112 -0.80 7.11 -14.49
CA LEU A 112 -1.48 8.09 -13.67
C LEU A 112 -2.93 8.23 -14.16
N PRO A 113 -3.85 8.71 -13.31
CA PRO A 113 -5.20 8.97 -13.81
C PRO A 113 -5.16 9.99 -14.93
N SER A 114 -6.26 10.06 -15.67
CA SER A 114 -6.31 10.83 -16.91
C SER A 114 -6.01 12.30 -16.67
N GLY A 115 -6.67 12.91 -15.68
CA GLY A 115 -6.42 14.31 -15.40
C GLY A 115 -4.97 14.60 -15.04
N CYS A 116 -4.31 13.67 -14.35
CA CYS A 116 -2.92 13.87 -13.98
C CYS A 116 -2.01 13.69 -15.17
N THR A 117 -2.29 12.68 -16.00
CA THR A 117 -1.57 12.50 -17.26
C THR A 117 -1.65 13.77 -18.13
N LYS A 118 -2.87 14.30 -18.32
CA LYS A 118 -3.05 15.53 -19.11
C LYS A 118 -2.33 16.72 -18.48
N LEU A 119 -2.35 16.83 -17.16
CA LEU A 119 -1.61 17.92 -16.52
C LEU A 119 -0.16 17.92 -16.96
N LEU A 120 0.45 16.73 -17.04
CA LEU A 120 1.87 16.65 -17.39
C LEU A 120 2.10 16.98 -18.86
N GLU A 121 1.21 16.49 -19.73
CA GLU A 121 1.33 16.81 -21.14
C GLU A 121 1.14 18.30 -21.39
N GLN A 122 0.24 18.95 -20.64
CA GLN A 122 0.07 20.40 -20.74
C GLN A 122 1.32 21.12 -20.25
N ALA A 123 1.88 20.70 -19.10
CA ALA A 123 3.14 21.27 -18.66
C ALA A 123 4.22 21.07 -19.71
N ALA A 124 4.29 19.86 -20.28
CA ALA A 124 5.29 19.57 -21.30
C ALA A 124 5.13 20.50 -22.50
N ALA A 125 3.89 20.73 -22.94
CA ALA A 125 3.61 21.56 -24.11
C ALA A 125 3.86 23.05 -23.87
N SER A 126 4.21 23.47 -22.66
CA SER A 126 4.47 24.87 -22.37
C SER A 126 5.91 25.15 -21.94
N GLY A 127 6.76 24.13 -21.86
CA GLY A 127 8.14 24.31 -21.47
C GLY A 127 8.41 24.20 -19.99
N LEU A 128 7.39 23.94 -19.16
CA LEU A 128 7.52 24.01 -17.71
C LEU A 128 7.68 22.64 -17.05
N LEU A 129 8.21 21.64 -17.77
CA LEU A 129 8.61 20.38 -17.15
C LEU A 129 10.12 20.27 -17.17
N ASP A 130 10.71 19.78 -16.08
CA ASP A 130 12.09 19.37 -16.13
C ASP A 130 12.26 18.36 -17.25
N GLY A 131 13.13 18.67 -18.21
CA GLY A 131 13.27 17.82 -19.39
C GLY A 131 13.84 16.45 -19.05
N ASN A 132 14.85 16.42 -18.18
CA ASN A 132 15.39 15.16 -17.68
C ASN A 132 14.30 14.29 -17.07
N ASP A 133 13.53 14.84 -16.12
CA ASP A 133 12.45 14.08 -15.50
C ASP A 133 11.38 13.70 -16.52
N ALA A 134 11.10 14.58 -17.47
CA ALA A 134 10.03 14.32 -18.43
C ALA A 134 10.39 13.13 -19.33
N TRP A 135 11.62 13.10 -19.84
CA TRP A 135 11.99 11.98 -20.71
C TRP A 135 12.17 10.70 -19.90
N ARG A 136 12.55 10.81 -18.63
CA ARG A 136 12.57 9.64 -17.75
C ARG A 136 11.18 9.02 -17.64
N ARG A 137 10.16 9.86 -17.51
CA ARG A 137 8.78 9.37 -17.46
C ARG A 137 8.38 8.73 -18.78
N VAL A 138 8.77 9.34 -19.91
CA VAL A 138 8.49 8.77 -21.22
C VAL A 138 9.03 7.35 -21.30
N ARG A 139 10.31 7.16 -20.93
CA ARG A 139 10.91 5.83 -20.95
C ARG A 139 10.18 4.89 -20.01
N GLY A 140 9.88 5.36 -18.79
CA GLY A 140 9.20 4.51 -17.83
C GLY A 140 7.85 4.05 -18.33
N LEU A 141 7.13 4.92 -19.04
CA LEU A 141 5.89 4.51 -19.68
C LEU A 141 6.14 3.54 -20.82
N LEU A 142 7.20 3.78 -21.60
CA LEU A 142 7.58 2.85 -22.66
C LEU A 142 7.86 1.45 -22.10
N ALA A 143 8.71 1.36 -21.09
CA ALA A 143 8.97 0.09 -20.44
C ALA A 143 7.70 -0.48 -19.80
N GLY A 144 6.80 0.38 -19.33
CA GLY A 144 5.60 -0.06 -18.65
C GLY A 144 4.42 -0.45 -19.51
N ARG A 145 4.60 -0.60 -20.82
CA ARG A 145 3.53 -0.94 -21.78
C ARG A 145 2.51 0.19 -21.92
N GLN A 146 2.81 1.39 -21.45
CA GLN A 146 1.92 2.54 -21.61
C GLN A 146 2.35 3.36 -22.83
N THR A 147 2.30 2.69 -23.98
CA THR A 147 2.83 3.29 -25.20
C THR A 147 2.09 4.57 -25.54
N THR A 148 0.78 4.58 -25.33
CA THR A 148 -0.01 5.73 -25.75
C THR A 148 0.28 6.94 -24.87
N ASP A 149 0.38 6.74 -23.55
CA ASP A 149 0.80 7.85 -22.70
C ASP A 149 2.21 8.29 -23.05
N ALA A 150 3.10 7.33 -23.30
CA ALA A 150 4.47 7.68 -23.68
C ALA A 150 4.48 8.50 -24.97
N ARG A 151 3.77 8.02 -25.99
CA ARG A 151 3.68 8.73 -27.26
C ARG A 151 3.19 10.16 -27.08
N ASN A 152 2.11 10.34 -26.32
CA ASN A 152 1.54 11.66 -26.12
C ASN A 152 2.48 12.60 -25.37
N LEU A 153 3.27 12.05 -24.45
CA LEU A 153 4.20 12.91 -23.71
C LEU A 153 5.42 13.26 -24.55
N ALA A 154 5.94 12.30 -25.33
CA ALA A 154 6.96 12.65 -26.32
C ALA A 154 6.46 13.75 -27.24
N ALA A 155 5.22 13.63 -27.71
CA ALA A 155 4.66 14.63 -28.62
C ALA A 155 4.51 15.98 -27.91
N ALA A 156 4.04 15.96 -26.66
CA ALA A 156 3.89 17.20 -25.89
C ALA A 156 5.22 17.87 -25.62
N LEU A 157 6.32 17.12 -25.66
CA LEU A 157 7.65 17.70 -25.45
C LEU A 157 8.28 18.20 -26.74
N GLY A 158 7.55 18.14 -27.85
CA GLY A 158 8.06 18.63 -29.12
C GLY A 158 8.97 17.68 -29.85
N SER A 159 8.96 16.40 -29.48
CA SER A 159 9.78 15.38 -30.14
C SER A 159 8.95 14.10 -30.25
N PRO A 160 8.07 14.03 -31.24
CA PRO A 160 7.15 12.89 -31.34
C PRO A 160 7.87 11.62 -31.79
N PHE A 161 7.17 10.49 -31.61
CA PHE A 161 7.73 9.18 -31.98
C PHE A 161 7.97 9.03 -33.47
N ASP A 162 7.45 9.93 -34.30
CA ASP A 162 7.59 9.83 -35.75
C ASP A 162 8.25 11.07 -36.34
N GLY A 163 9.06 11.77 -35.53
CA GLY A 163 9.60 13.06 -35.94
C GLY A 163 11.09 13.07 -36.17
N GLY A 164 11.74 11.91 -36.09
CA GLY A 164 13.15 11.77 -36.43
C GLY A 164 14.14 12.34 -35.45
N THR A 165 13.71 12.78 -34.26
CA THR A 165 14.62 13.32 -33.27
C THR A 165 14.66 12.43 -32.02
N GLN A 166 14.70 13.02 -30.82
CA GLN A 166 14.90 12.23 -29.61
C GLN A 166 13.76 11.24 -29.40
N GLY A 167 12.51 11.67 -29.60
CA GLY A 167 11.37 10.79 -29.38
C GLY A 167 11.39 9.55 -30.23
N SER A 168 11.92 9.64 -31.45
CA SER A 168 12.02 8.44 -32.28
C SER A 168 13.15 7.53 -31.81
N ARG A 169 14.22 8.10 -31.25
CA ARG A 169 15.27 7.28 -30.64
C ARG A 169 14.73 6.50 -29.46
N GLU A 170 13.96 7.16 -28.59
CA GLU A 170 13.41 6.52 -27.40
C GLU A 170 12.45 5.40 -27.79
N TYR A 171 11.56 5.68 -28.76
CA TYR A 171 10.64 4.66 -29.24
C TYR A 171 11.39 3.48 -29.85
N ALA A 172 12.46 3.76 -30.60
CA ALA A 172 13.27 2.69 -31.16
C ALA A 172 13.86 1.80 -30.08
N LEU A 173 14.21 2.38 -28.93
CA LEU A 173 14.78 1.63 -27.82
C LEU A 173 13.85 0.54 -27.28
N LEU A 174 12.61 0.46 -27.75
CA LEU A 174 11.73 -0.61 -27.32
C LEU A 174 12.24 -1.99 -27.71
N ASN A 175 13.20 -2.07 -28.65
CA ASN A 175 13.75 -3.40 -28.93
C ASN A 175 14.64 -3.90 -27.81
N VAL A 176 14.98 -3.05 -26.85
CA VAL A 176 15.67 -3.45 -25.63
C VAL A 176 14.75 -3.41 -24.43
N ILE A 177 14.03 -2.30 -24.25
CA ILE A 177 13.28 -2.08 -23.02
C ILE A 177 11.83 -2.55 -23.09
N GLY A 178 11.39 -3.07 -24.24
CA GLY A 178 10.04 -3.60 -24.33
C GLY A 178 9.83 -4.74 -23.35
N LYS A 179 8.56 -4.92 -22.92
CA LYS A 179 8.22 -5.92 -21.91
C LYS A 179 8.66 -7.31 -22.34
N GLU A 180 8.51 -7.61 -23.63
N GLU A 180 8.51 -7.63 -23.62
CA GLU A 180 8.91 -8.88 -24.22
CA GLU A 180 8.99 -8.93 -24.09
C GLU A 180 10.36 -8.87 -24.69
C GLU A 180 10.42 -8.88 -24.65
N ALA A 181 10.87 -7.70 -25.10
CA ALA A 181 12.22 -7.59 -25.64
C ALA A 181 13.29 -7.65 -24.56
N ARG A 182 12.97 -7.15 -23.35
CA ARG A 182 13.90 -7.20 -22.23
C ARG A 182 14.20 -8.63 -21.79
N LYS A 183 13.32 -9.58 -22.11
CA LYS A 183 13.49 -10.98 -21.74
C LYS A 183 14.43 -11.73 -22.69
N SER A 184 14.78 -11.10 -23.81
CA SER A 184 15.54 -11.74 -24.85
C SER A 184 16.89 -12.20 -24.32
N PRO A 185 17.34 -13.41 -24.68
CA PRO A 185 18.72 -13.81 -24.37
C PRO A 185 19.75 -12.83 -24.93
N ASN A 186 19.36 -12.04 -25.92
CA ASN A 186 20.25 -11.10 -26.60
C ASN A 186 20.03 -9.64 -26.20
N ALA A 187 19.16 -9.35 -25.23
CA ALA A 187 18.85 -7.96 -24.93
C ALA A 187 20.10 -7.12 -24.67
N ALA A 188 21.00 -7.64 -23.81
CA ALA A 188 22.19 -6.88 -23.45
C ALA A 188 23.12 -6.67 -24.64
N ALA A 189 23.33 -7.72 -25.44
CA ALA A 189 24.23 -7.61 -26.60
C ALA A 189 23.74 -6.54 -27.57
N LEU A 190 22.43 -6.46 -27.80
CA LEU A 190 21.87 -5.42 -28.65
C LEU A 190 22.10 -4.04 -28.04
N LEU A 191 21.77 -3.91 -26.74
CA LEU A 191 22.04 -2.66 -26.03
C LEU A 191 23.51 -2.26 -26.14
N SER A 192 24.43 -3.23 -25.95
CA SER A 192 25.86 -2.93 -26.08
C SER A 192 26.20 -2.48 -27.49
N GLU A 193 25.56 -3.06 -28.49
CA GLU A 193 25.89 -2.84 -29.90
C GLU A 193 25.35 -1.50 -30.42
N MET A 194 24.18 -1.08 -29.95
CA MET A 194 23.66 0.25 -30.24
C MET A 194 23.98 1.25 -29.15
N GLU A 195 24.91 0.92 -28.25
CA GLU A 195 25.14 1.72 -27.06
C GLU A 195 25.79 3.06 -27.37
N SER A 196 26.67 3.09 -28.37
CA SER A 196 27.56 4.23 -28.58
C SER A 196 26.81 5.46 -29.06
N GLY A 197 25.73 5.27 -29.82
CA GLY A 197 24.92 6.38 -30.25
C GLY A 197 23.65 6.58 -29.44
N LEU A 198 23.70 6.28 -28.15
CA LEU A 198 22.61 6.59 -27.23
C LEU A 198 23.11 7.61 -26.21
N SER A 199 22.18 8.42 -25.69
CA SER A 199 22.56 9.40 -24.69
C SER A 199 22.90 8.70 -23.37
N LEU A 200 23.55 9.45 -22.48
CA LEU A 200 23.89 8.89 -21.17
C LEU A 200 22.64 8.46 -20.41
N GLU A 201 21.56 9.24 -20.56
CA GLU A 201 20.32 8.95 -19.86
C GLU A 201 19.64 7.71 -20.45
N GLN A 202 19.58 7.64 -21.77
CA GLN A 202 18.95 6.49 -22.40
C GLN A 202 19.69 5.20 -22.06
N ARG A 203 21.02 5.28 -21.97
CA ARG A 203 21.80 4.07 -21.67
C ARG A 203 21.59 3.62 -20.23
N SER A 204 21.66 4.55 -19.29
CA SER A 204 21.45 4.22 -17.89
C SER A 204 20.09 3.58 -17.67
N PHE A 205 19.03 4.16 -18.27
CA PHE A 205 17.69 3.63 -18.09
C PHE A 205 17.57 2.24 -18.68
N ALA A 206 18.12 2.05 -19.89
CA ALA A 206 18.03 0.77 -20.58
C ALA A 206 18.72 -0.34 -19.79
N TRP A 207 19.94 -0.07 -19.32
CA TRP A 207 20.60 -1.05 -18.45
C TRP A 207 19.77 -1.31 -17.20
N GLY A 208 19.03 -0.30 -16.72
CA GLY A 208 18.18 -0.52 -15.56
C GLY A 208 17.01 -1.44 -15.85
N VAL A 209 16.46 -1.36 -17.08
CA VAL A 209 15.38 -2.27 -17.47
C VAL A 209 15.86 -3.71 -17.44
N LEU A 210 17.04 -3.98 -18.01
CA LEU A 210 17.54 -5.36 -18.10
C LEU A 210 17.91 -5.89 -16.72
N GLY A 211 18.54 -5.07 -15.89
CA GLY A 211 18.81 -5.47 -14.52
C GLY A 211 17.52 -5.67 -13.72
N HIS A 212 16.51 -4.82 -13.92
CA HIS A 212 15.26 -4.95 -13.19
C HIS A 212 14.55 -6.25 -13.51
N TYR A 213 14.50 -6.60 -14.81
CA TYR A 213 13.92 -7.88 -15.20
C TYR A 213 14.63 -9.05 -14.52
N GLN A 214 15.96 -9.03 -14.57
CA GLN A 214 16.72 -10.12 -13.95
C GLN A 214 16.50 -10.16 -12.45
N SER A 215 16.52 -8.99 -11.79
CA SER A 215 16.41 -8.95 -10.34
C SER A 215 15.06 -9.47 -9.87
N GLN A 216 13.98 -9.15 -10.59
CA GLN A 216 12.67 -9.63 -10.16
C GLN A 216 12.50 -11.11 -10.47
N ASN A 217 13.26 -11.64 -11.42
CA ASN A 217 13.33 -13.08 -11.64
C ASN A 217 14.27 -13.77 -10.66
N LEU A 218 14.91 -13.02 -9.75
CA LEU A 218 15.84 -13.56 -8.75
C LEU A 218 17.05 -14.23 -9.40
N ASN A 219 17.48 -13.73 -10.55
CA ASN A 219 18.79 -14.05 -11.10
C ASN A 219 19.72 -12.91 -10.68
N VAL A 220 20.26 -13.04 -9.47
CA VAL A 220 21.01 -11.97 -8.80
C VAL A 220 22.32 -11.66 -9.53
N PRO A 221 23.15 -12.65 -9.87
CA PRO A 221 24.36 -12.31 -10.64
C PRO A 221 24.03 -11.58 -11.93
N ALA A 222 23.06 -12.07 -12.69
CA ALA A 222 22.74 -11.42 -13.96
C ALA A 222 22.28 -9.98 -13.74
N ALA A 223 21.48 -9.76 -12.68
CA ALA A 223 20.95 -8.43 -12.42
C ALA A 223 22.06 -7.46 -12.04
N LEU A 224 22.98 -7.90 -11.19
CA LEU A 224 24.02 -6.98 -10.73
C LEU A 224 25.00 -6.63 -11.84
N ASP A 225 25.28 -7.57 -12.74
CA ASP A 225 26.08 -7.23 -13.92
C ASP A 225 25.41 -6.13 -14.73
N TYR A 226 24.09 -6.22 -14.93
CA TYR A 226 23.40 -5.22 -15.74
C TYR A 226 23.23 -3.91 -15.00
N TYR A 227 22.87 -3.96 -13.70
CA TYR A 227 22.78 -2.74 -12.92
C TYR A 227 24.15 -2.05 -12.77
N GLY A 228 25.23 -2.81 -12.74
CA GLY A 228 26.54 -2.20 -12.64
C GLY A 228 26.97 -1.41 -13.86
N LYS A 229 26.27 -1.55 -14.98
CA LYS A 229 26.52 -0.76 -16.17
C LYS A 229 25.75 0.57 -16.18
N VAL A 230 24.77 0.73 -15.30
CA VAL A 230 24.04 1.98 -15.20
C VAL A 230 25.01 3.08 -14.78
N ALA A 231 25.16 4.08 -15.63
CA ALA A 231 26.10 5.17 -15.35
C ALA A 231 25.50 6.25 -14.48
N ASP A 232 24.23 6.63 -14.71
CA ASP A 232 23.54 7.64 -13.90
C ASP A 232 22.33 6.97 -13.24
N ARG A 233 22.46 6.65 -11.95
CA ARG A 233 21.41 5.87 -11.28
C ARG A 233 20.14 6.68 -11.05
N ARG A 234 20.24 8.00 -11.04
CA ARG A 234 19.06 8.85 -10.97
C ARG A 234 18.11 8.61 -12.14
N GLN A 235 18.60 8.05 -13.25
CA GLN A 235 17.72 7.81 -14.38
C GLN A 235 16.80 6.63 -14.18
N LEU A 236 17.13 5.72 -13.28
CA LEU A 236 16.28 4.56 -12.97
C LEU A 236 14.94 5.01 -12.39
N THR A 237 13.86 4.29 -12.73
CA THR A 237 12.61 4.39 -11.99
C THR A 237 12.82 3.95 -10.54
N ASP A 238 11.84 4.31 -9.71
CA ASP A 238 11.89 3.90 -8.30
C ASP A 238 11.89 2.38 -8.17
N ASP A 239 11.13 1.68 -9.03
CA ASP A 239 11.15 0.22 -8.98
C ASP A 239 12.51 -0.32 -9.38
N GLN A 240 13.09 0.21 -10.46
CA GLN A 240 14.41 -0.25 -10.93
C GLN A 240 15.47 -0.11 -9.85
N ILE A 241 15.55 1.06 -9.22
CA ILE A 241 16.62 1.25 -8.26
C ILE A 241 16.36 0.45 -6.97
N GLU A 242 15.08 0.22 -6.61
CA GLU A 242 14.83 -0.62 -5.44
C GLU A 242 15.22 -2.07 -5.71
N TRP A 243 15.06 -2.53 -6.95
CA TRP A 243 15.45 -3.89 -7.28
C TRP A 243 16.94 -4.01 -7.54
N TYR A 244 17.62 -2.89 -7.79
CA TYR A 244 19.07 -2.87 -7.65
C TYR A 244 19.47 -3.12 -6.20
N ALA A 245 18.92 -2.32 -5.28
CA ALA A 245 19.19 -2.53 -3.86
C ALA A 245 18.83 -3.94 -3.43
N ARG A 246 17.69 -4.48 -3.91
CA ARG A 246 17.27 -5.82 -3.52
C ARG A 246 18.25 -6.88 -4.03
N ALA A 247 18.75 -6.71 -5.27
CA ALA A 247 19.77 -7.62 -5.77
C ALA A 247 21.03 -7.54 -4.91
N ALA A 248 21.47 -6.33 -4.60
CA ALA A 248 22.68 -6.18 -3.79
C ALA A 248 22.47 -6.75 -2.40
N LEU A 249 21.27 -6.57 -1.85
CA LEU A 249 20.95 -7.15 -0.55
C LEU A 249 21.06 -8.67 -0.59
N ARG A 250 20.41 -9.30 -1.56
CA ARG A 250 20.34 -10.76 -1.60
C ARG A 250 21.73 -11.38 -1.76
N ALA A 251 22.66 -10.66 -2.40
CA ALA A 251 24.02 -11.12 -2.58
C ALA A 251 24.96 -10.62 -1.49
N ARG A 252 24.43 -10.00 -0.43
CA ARG A 252 25.24 -9.51 0.68
C ARG A 252 26.42 -8.65 0.20
N ARG A 253 26.14 -7.76 -0.76
CA ARG A 253 27.13 -6.79 -1.24
C ARG A 253 26.87 -5.46 -0.56
N TRP A 254 27.35 -5.33 0.68
CA TRP A 254 26.92 -4.24 1.56
C TRP A 254 27.37 -2.88 1.05
N ASP A 255 28.60 -2.81 0.52
CA ASP A 255 29.12 -1.56 -0.04
C ASP A 255 28.30 -1.12 -1.25
N GLU A 256 27.97 -2.06 -2.14
CA GLU A 256 27.14 -1.71 -3.29
C GLU A 256 25.76 -1.27 -2.84
N LEU A 257 25.17 -1.99 -1.89
CA LEU A 257 23.87 -1.62 -1.35
C LEU A 257 23.86 -0.17 -0.88
N ALA A 258 24.80 0.19 0.00
CA ALA A 258 24.81 1.53 0.58
C ALA A 258 24.96 2.59 -0.50
N SER A 259 25.81 2.31 -1.49
CA SER A 259 25.98 3.22 -2.63
C SER A 259 24.68 3.38 -3.40
N VAL A 260 24.00 2.26 -3.68
CA VAL A 260 22.74 2.33 -4.41
C VAL A 260 21.72 3.16 -3.63
N ILE A 261 21.62 2.93 -2.32
CA ILE A 261 20.63 3.67 -1.53
C ILE A 261 20.90 5.18 -1.60
N SER A 262 22.19 5.57 -1.57
CA SER A 262 22.55 6.99 -1.62
C SER A 262 22.17 7.64 -2.95
N HIS A 263 21.88 6.86 -3.98
CA HIS A 263 21.43 7.44 -5.24
C HIS A 263 19.92 7.44 -5.37
N MET A 264 19.20 7.01 -4.34
CA MET A 264 17.76 6.96 -4.35
C MET A 264 17.17 8.35 -4.11
N PRO A 265 15.98 8.61 -4.64
CA PRO A 265 15.26 9.84 -4.22
C PRO A 265 15.17 9.92 -2.70
N GLU A 266 15.37 11.13 -2.18
CA GLU A 266 15.42 11.27 -0.73
C GLU A 266 14.20 10.66 -0.03
N LYS A 267 13.04 10.63 -0.70
CA LYS A 267 11.85 10.02 -0.10
C LYS A 267 12.02 8.52 0.10
N LEU A 268 12.66 7.84 -0.86
CA LEU A 268 12.94 6.41 -0.73
C LEU A 268 14.01 6.14 0.32
N GLN A 269 15.02 7.01 0.38
CA GLN A 269 16.06 6.88 1.41
C GLN A 269 15.48 6.95 2.82
N LYS A 270 14.44 7.76 3.01
CA LYS A 270 13.82 7.97 4.31
C LYS A 270 12.74 6.93 4.63
N SER A 271 12.50 5.97 3.74
CA SER A 271 11.54 4.93 4.07
C SER A 271 12.15 3.97 5.10
N PRO A 272 11.31 3.31 5.91
CA PRO A 272 11.84 2.34 6.88
C PRO A 272 12.73 1.27 6.26
N THR A 273 12.36 0.76 5.07
CA THR A 273 13.15 -0.24 4.37
C THR A 273 14.60 0.21 4.21
N TRP A 274 14.80 1.34 3.54
CA TRP A 274 16.16 1.70 3.16
C TRP A 274 16.92 2.40 4.29
N LEU A 275 16.22 2.98 5.26
CA LEU A 275 16.89 3.35 6.51
C LEU A 275 17.49 2.12 7.17
N TYR A 276 16.67 1.08 7.35
CA TYR A 276 17.12 -0.13 8.04
C TYR A 276 18.23 -0.82 7.26
N TRP A 277 18.02 -1.05 5.97
CA TRP A 277 19.03 -1.81 5.24
C TRP A 277 20.30 -0.99 5.02
N LEU A 278 20.20 0.35 4.97
CA LEU A 278 21.42 1.15 4.95
C LEU A 278 22.19 0.96 6.25
N ALA A 279 21.49 1.07 7.40
CA ALA A 279 22.09 0.79 8.70
C ALA A 279 22.74 -0.60 8.75
N ARG A 280 22.06 -1.62 8.25
CA ARG A 280 22.66 -2.96 8.25
C ARG A 280 23.94 -3.00 7.43
N SER A 281 23.93 -2.38 6.24
CA SER A 281 25.15 -2.24 5.45
C SER A 281 26.25 -1.54 6.24
N ARG A 282 25.89 -0.50 6.95
CA ARG A 282 26.90 0.21 7.73
C ARG A 282 27.45 -0.64 8.83
N ALA A 283 26.58 -1.29 9.59
CA ALA A 283 27.01 -2.15 10.68
C ALA A 283 27.85 -3.32 10.20
N ALA A 284 27.52 -3.88 9.03
CA ALA A 284 28.25 -5.05 8.55
C ALA A 284 29.64 -4.69 8.04
N THR A 285 29.85 -3.45 7.59
CA THR A 285 31.17 -2.95 7.25
C THR A 285 31.85 -2.24 8.42
N GLY A 286 31.27 -2.31 9.63
CA GLY A 286 31.91 -1.77 10.81
C GLY A 286 31.71 -0.29 11.05
N ASN A 287 30.92 0.40 10.23
CA ASN A 287 30.58 1.80 10.47
C ASN A 287 29.44 1.85 11.50
N THR A 288 29.82 1.58 12.76
CA THR A 288 28.84 1.23 13.77
C THR A 288 28.08 2.45 14.26
N GLN A 289 28.75 3.59 14.37
CA GLN A 289 28.04 4.78 14.81
C GLN A 289 27.13 5.33 13.71
N GLU A 290 27.52 5.17 12.45
CA GLU A 290 26.61 5.56 11.37
C GLU A 290 25.42 4.63 11.30
N ALA A 291 25.63 3.34 11.56
CA ALA A 291 24.53 2.40 11.63
C ALA A 291 23.58 2.74 12.77
N GLU A 292 24.13 3.05 13.95
CA GLU A 292 23.29 3.38 15.11
C GLU A 292 22.44 4.61 14.84
N LYS A 293 23.00 5.61 14.15
CA LYS A 293 22.22 6.77 13.76
C LYS A 293 21.03 6.37 12.89
N LEU A 294 21.29 5.54 11.88
CA LEU A 294 20.23 5.13 10.95
C LEU A 294 19.20 4.23 11.62
N TYR A 295 19.63 3.31 12.49
CA TYR A 295 18.66 2.45 13.17
C TYR A 295 17.72 3.30 14.02
N LYS A 296 18.24 4.38 14.61
CA LYS A 296 17.38 5.29 15.37
C LYS A 296 16.37 5.98 14.47
N GLN A 297 16.80 6.41 13.28
CA GLN A 297 15.87 7.03 12.34
C GLN A 297 14.80 6.04 11.88
N ALA A 298 15.20 4.81 11.55
CA ALA A 298 14.23 3.78 11.17
C ALA A 298 13.25 3.50 12.30
N ALA A 299 13.75 3.37 13.52
CA ALA A 299 12.90 3.03 14.64
C ALA A 299 11.86 4.11 14.89
N ALA A 300 12.23 5.38 14.62
CA ALA A 300 11.31 6.50 14.79
C ALA A 300 10.19 6.51 13.77
N THR A 301 10.32 5.73 12.67
CA THR A 301 9.24 5.68 11.69
C THR A 301 7.96 5.06 12.25
N GLY A 302 8.03 4.39 13.41
CA GLY A 302 6.81 3.99 14.10
C GLY A 302 6.60 2.51 14.37
N ARG A 303 5.38 2.05 14.12
CA ARG A 303 4.96 0.68 14.39
C ARG A 303 4.96 -0.07 13.06
N ASN A 304 6.15 -0.52 12.65
CA ASN A 304 6.25 -1.25 11.40
C ASN A 304 7.42 -2.23 11.47
N PHE A 305 7.42 -3.13 10.48
CA PHE A 305 8.40 -4.22 10.39
C PHE A 305 9.81 -3.72 10.63
N TYR A 306 10.27 -2.76 9.83
CA TYR A 306 11.66 -2.34 9.91
C TYR A 306 11.94 -1.49 11.14
N ALA A 307 10.94 -0.76 11.63
CA ALA A 307 11.16 0.01 12.85
C ALA A 307 11.42 -0.91 14.03
N VAL A 308 10.73 -2.05 14.08
CA VAL A 308 10.96 -3.04 15.13
C VAL A 308 12.34 -3.68 14.97
N LEU A 309 12.66 -4.14 13.76
CA LEU A 309 13.98 -4.73 13.53
C LEU A 309 15.08 -3.75 13.90
N ALA A 310 14.93 -2.48 13.50
CA ALA A 310 15.92 -1.47 13.86
C ALA A 310 16.01 -1.29 15.37
N GLY A 311 14.85 -1.22 16.04
CA GLY A 311 14.85 -1.21 17.49
C GLY A 311 15.60 -2.37 18.09
N GLU A 312 15.43 -3.57 17.52
CA GLU A 312 16.13 -4.73 18.06
C GLU A 312 17.64 -4.62 17.85
N GLU A 313 18.06 -3.98 16.76
CA GLU A 313 19.49 -3.77 16.58
C GLU A 313 20.04 -2.79 17.60
N LEU A 314 19.23 -1.85 18.07
CA LEU A 314 19.61 -0.93 19.13
C LEU A 314 19.47 -1.55 20.53
N GLY A 315 19.13 -2.82 20.63
CA GLY A 315 18.86 -3.41 21.92
C GLY A 315 17.53 -3.02 22.52
N ARG A 316 16.59 -2.58 21.70
CA ARG A 316 15.26 -2.17 22.17
C ARG A 316 14.26 -3.27 21.88
N LYS A 317 13.56 -3.72 22.92
CA LYS A 317 12.52 -4.72 22.79
C LYS A 317 11.17 -4.04 22.55
N ILE A 318 10.31 -4.67 21.74
CA ILE A 318 8.93 -4.20 21.64
C ILE A 318 8.33 -4.14 23.03
N ASP A 319 7.67 -3.01 23.33
CA ASP A 319 6.98 -2.79 24.59
C ASP A 319 5.55 -2.37 24.26
N THR A 320 4.58 -3.25 24.52
CA THR A 320 3.18 -2.95 24.22
C THR A 320 2.44 -2.32 25.39
N ARG A 321 3.15 -1.82 26.39
CA ARG A 321 2.52 -0.99 27.40
C ARG A 321 2.05 0.31 26.75
N ASN A 322 0.77 0.64 26.98
CA ASN A 322 0.24 1.93 26.60
C ASN A 322 0.92 3.03 27.38
N ASN A 323 1.17 4.17 26.71
CA ASN A 323 1.70 5.37 27.35
C ASN A 323 0.63 6.44 27.55
N VAL A 324 -0.63 6.05 27.52
CA VAL A 324 -1.75 6.99 27.56
C VAL A 324 -2.87 6.25 28.27
N PRO A 325 -3.73 6.92 29.04
CA PRO A 325 -4.84 6.20 29.66
C PRO A 325 -5.83 5.75 28.61
N ASP A 326 -6.72 4.83 29.01
CA ASP A 326 -7.91 4.56 28.23
C ASP A 326 -8.70 5.84 28.06
N ALA A 327 -9.48 5.92 26.98
CA ALA A 327 -10.41 7.04 26.82
C ALA A 327 -11.56 6.93 27.82
N GLY A 328 -11.92 8.06 28.42
CA GLY A 328 -13.03 8.06 29.36
C GLY A 328 -14.33 7.74 28.64
N LYS A 329 -15.19 6.96 29.32
CA LYS A 329 -16.45 6.56 28.70
C LYS A 329 -17.31 7.76 28.34
N ASN A 330 -17.20 8.86 29.11
CA ASN A 330 -18.00 10.04 28.79
C ASN A 330 -17.56 10.68 27.48
N SER A 331 -16.24 10.80 27.25
CA SER A 331 -15.78 11.32 25.97
C SER A 331 -16.14 10.39 24.83
N VAL A 332 -16.24 9.08 25.10
CA VAL A 332 -16.61 8.13 24.06
C VAL A 332 -18.07 8.31 23.66
N ARG A 333 -18.95 8.58 24.63
CA ARG A 333 -20.36 8.84 24.33
C ARG A 333 -20.53 10.18 23.62
N ARG A 334 -19.83 11.21 24.09
CA ARG A 334 -19.87 12.50 23.40
C ARG A 334 -19.38 12.36 21.96
N MET A 335 -18.26 11.65 21.77
CA MET A 335 -17.71 11.49 20.41
C MET A 335 -18.76 10.89 19.46
N ALA A 336 -19.52 9.92 19.93
CA ALA A 336 -20.55 9.32 19.09
C ALA A 336 -21.63 10.33 18.68
N GLU A 337 -21.68 11.48 19.34
CA GLU A 337 -22.71 12.45 19.00
C GLU A 337 -22.21 13.53 18.07
N ASP A 338 -20.91 13.57 17.78
CA ASP A 338 -20.45 14.46 16.72
C ASP A 338 -21.08 14.06 15.40
N GLY A 339 -21.51 15.07 14.64
CA GLY A 339 -22.33 14.81 13.48
C GLY A 339 -21.67 13.91 12.45
N ALA A 340 -20.36 14.08 12.26
CA ALA A 340 -19.68 13.27 11.26
C ALA A 340 -19.44 11.85 11.78
N VAL A 341 -19.02 11.71 13.04
CA VAL A 341 -18.87 10.39 13.65
C VAL A 341 -20.20 9.66 13.72
N LYS A 342 -21.25 10.37 14.15
CA LYS A 342 -22.56 9.73 14.25
C LYS A 342 -23.01 9.19 12.90
N ARG A 343 -22.76 9.94 11.83
CA ARG A 343 -23.15 9.50 10.50
C ARG A 343 -22.47 8.20 10.14
N ALA A 344 -21.19 8.07 10.48
CA ALA A 344 -20.46 6.83 10.25
C ALA A 344 -21.04 5.68 11.04
N LEU A 345 -21.42 5.93 12.30
CA LEU A 345 -21.93 4.85 13.15
C LEU A 345 -23.31 4.42 12.72
N VAL A 346 -24.14 5.37 12.28
CA VAL A 346 -25.44 5.05 11.72
C VAL A 346 -25.29 4.11 10.53
N LEU A 347 -24.46 4.50 9.56
CA LEU A 347 -24.26 3.62 8.41
C LEU A 347 -23.73 2.26 8.83
N PHE A 348 -22.84 2.23 9.83
CA PHE A 348 -22.27 0.96 10.24
C PHE A 348 -23.32 0.06 10.89
N GLN A 349 -23.98 0.58 11.92
CA GLN A 349 -24.99 -0.22 12.60
C GLN A 349 -26.04 -0.75 11.62
N ASN A 350 -26.49 0.10 10.72
CA ASN A 350 -27.54 -0.31 9.81
C ASN A 350 -27.02 -1.26 8.73
N SER A 351 -25.73 -1.21 8.41
CA SER A 351 -25.21 -2.22 7.49
C SER A 351 -25.27 -3.62 8.11
N GLN A 352 -25.03 -3.72 9.43
CA GLN A 352 -25.20 -4.99 10.14
C GLN A 352 -26.64 -5.47 10.08
N SER A 353 -27.58 -4.60 10.46
CA SER A 353 -28.97 -5.01 10.57
C SER A 353 -29.60 -5.25 9.20
N ALA A 354 -29.18 -4.51 8.17
CA ALA A 354 -29.72 -4.68 6.84
C ALA A 354 -28.91 -5.61 5.96
N GLY A 355 -27.76 -6.08 6.44
CA GLY A 355 -26.93 -6.99 5.64
C GLY A 355 -26.43 -6.37 4.35
N ASP A 356 -26.01 -5.10 4.40
CA ASP A 356 -25.62 -4.32 3.23
C ASP A 356 -24.11 -4.08 3.28
N ALA A 357 -23.35 -4.84 2.49
CA ALA A 357 -21.90 -4.71 2.50
C ALA A 357 -21.44 -3.40 1.87
N LYS A 358 -22.16 -2.90 0.86
CA LYS A 358 -21.81 -1.59 0.32
C LYS A 358 -22.04 -0.48 1.34
N MET A 359 -23.14 -0.55 2.10
CA MET A 359 -23.38 0.44 3.14
C MET A 359 -22.27 0.42 4.19
N ARG A 360 -21.81 -0.77 4.56
CA ARG A 360 -20.69 -0.87 5.49
C ARG A 360 -19.43 -0.20 4.91
N ARG A 361 -19.19 -0.36 3.61
CA ARG A 361 -18.02 0.30 3.03
C ARG A 361 -18.17 1.82 3.07
N GLN A 362 -19.37 2.34 2.88
CA GLN A 362 -19.56 3.78 3.02
C GLN A 362 -19.43 4.23 4.46
N ALA A 363 -19.81 3.36 5.41
CA ALA A 363 -19.57 3.70 6.81
C ALA A 363 -18.08 3.91 7.07
N GLN A 364 -17.23 3.09 6.45
CA GLN A 364 -15.79 3.29 6.60
C GLN A 364 -15.37 4.61 6.00
N ALA A 365 -15.89 4.93 4.82
CA ALA A 365 -15.58 6.21 4.18
C ALA A 365 -15.99 7.39 5.07
N GLU A 366 -17.17 7.31 5.69
CA GLU A 366 -17.59 8.37 6.60
C GLU A 366 -16.70 8.42 7.83
N TRP A 367 -16.25 7.26 8.30
CA TRP A 367 -15.39 7.26 9.47
C TRP A 367 -14.07 7.97 9.16
N ARG A 368 -13.42 7.57 8.06
CA ARG A 368 -12.16 8.21 7.67
C ARG A 368 -12.36 9.69 7.42
N PHE A 369 -13.54 10.07 6.90
CA PHE A 369 -13.86 11.46 6.69
C PHE A 369 -14.07 12.18 8.02
N ALA A 370 -14.78 11.54 8.93
CA ALA A 370 -15.12 12.17 10.20
C ALA A 370 -13.87 12.42 11.05
N THR A 371 -12.91 11.50 10.99
CA THR A 371 -11.72 11.55 11.82
C THR A 371 -10.52 12.21 11.13
N ARG A 372 -10.62 12.52 9.85
CA ARG A 372 -9.52 13.13 9.11
C ARG A 372 -9.09 14.43 9.79
N GLY A 373 -7.84 14.50 10.21
CA GLY A 373 -7.43 15.70 10.90
C GLY A 373 -7.90 15.82 12.34
N PHE A 374 -8.26 14.71 12.97
CA PHE A 374 -8.30 14.66 14.42
C PHE A 374 -6.89 14.73 14.98
N ASP A 375 -6.73 15.45 16.10
CA ASP A 375 -5.50 15.36 16.87
C ASP A 375 -5.42 13.99 17.57
N GLU A 376 -4.24 13.70 18.13
CA GLU A 376 -3.98 12.35 18.63
C GLU A 376 -4.99 11.92 19.70
N ASP A 377 -5.46 12.88 20.53
CA ASP A 377 -6.40 12.58 21.61
C ASP A 377 -7.78 12.22 21.08
N LYS A 378 -8.28 13.01 20.12
CA LYS A 378 -9.56 12.65 19.51
C LYS A 378 -9.46 11.35 18.74
N LEU A 379 -8.29 11.07 18.14
CA LEU A 379 -8.10 9.82 17.42
C LEU A 379 -8.22 8.63 18.35
N LEU A 380 -7.70 8.75 19.58
CA LEU A 380 -7.80 7.66 20.55
C LEU A 380 -9.22 7.53 21.11
N THR A 381 -9.91 8.65 21.33
CA THR A 381 -11.28 8.58 21.79
C THR A 381 -12.18 7.98 20.72
N ALA A 382 -12.02 8.45 19.48
CA ALA A 382 -12.71 7.84 18.35
C ALA A 382 -12.41 6.34 18.27
N ALA A 383 -11.16 5.93 18.52
CA ALA A 383 -10.85 4.50 18.39
C ALA A 383 -11.67 3.67 19.35
N GLN A 384 -11.75 4.12 20.61
CA GLN A 384 -12.60 3.41 21.59
C GLN A 384 -14.07 3.49 21.22
N THR A 385 -14.51 4.64 20.69
CA THR A 385 -15.88 4.76 20.22
C THR A 385 -16.20 3.68 19.19
N ALA A 386 -15.33 3.53 18.19
CA ALA A 386 -15.49 2.48 17.19
C ALA A 386 -15.50 1.11 17.83
N PHE A 387 -14.61 0.90 18.79
CA PHE A 387 -14.51 -0.43 19.39
C PHE A 387 -15.74 -0.75 20.22
N ASP A 388 -16.30 0.24 20.92
CA ASP A 388 -17.52 0.02 21.68
C ASP A 388 -18.74 -0.20 20.79
N HIS A 389 -18.65 0.09 19.50
CA HIS A 389 -19.77 -0.11 18.59
C HIS A 389 -19.58 -1.33 17.70
N GLY A 390 -18.54 -2.13 17.93
CA GLY A 390 -18.23 -3.30 17.12
C GLY A 390 -17.57 -3.01 15.79
N PHE A 391 -17.17 -1.75 15.54
CA PHE A 391 -16.63 -1.26 14.26
C PHE A 391 -15.10 -1.47 14.25
N TYR A 392 -14.71 -2.75 14.29
CA TYR A 392 -13.35 -3.13 14.70
C TYR A 392 -12.29 -2.50 13.81
N ASP A 393 -12.51 -2.47 12.49
CA ASP A 393 -11.49 -1.95 11.60
C ASP A 393 -11.29 -0.45 11.77
N MET A 394 -12.36 0.30 12.08
CA MET A 394 -12.18 1.72 12.30
C MET A 394 -11.53 2.03 13.64
N ALA A 395 -11.64 1.14 14.63
CA ALA A 395 -10.86 1.35 15.84
C ALA A 395 -9.37 1.26 15.55
N VAL A 396 -8.96 0.29 14.74
CA VAL A 396 -7.57 0.19 14.34
C VAL A 396 -7.19 1.38 13.47
N ASN A 397 -8.08 1.77 12.56
CA ASN A 397 -7.82 2.87 11.64
C ASN A 397 -7.44 4.13 12.39
N SER A 398 -8.19 4.46 13.45
CA SER A 398 -7.95 5.68 14.20
C SER A 398 -6.77 5.55 15.14
N ALA A 399 -6.63 4.40 15.79
CA ALA A 399 -5.56 4.21 16.77
C ALA A 399 -4.20 4.12 16.11
N GLU A 400 -4.11 3.58 14.89
CA GLU A 400 -2.80 3.46 14.25
C GLU A 400 -2.31 4.79 13.67
N ARG A 401 -3.17 5.80 13.57
CA ARG A 401 -2.77 7.07 12.97
C ARG A 401 -2.10 8.03 13.96
N THR A 402 -1.93 7.66 15.21
CA THR A 402 -1.21 8.54 16.10
C THR A 402 0.30 8.33 15.93
N ASP A 403 1.08 9.27 16.46
CA ASP A 403 2.52 9.12 16.40
C ASP A 403 3.18 9.03 17.77
N ARG A 404 2.73 9.82 18.75
CA ARG A 404 3.35 9.80 20.08
C ARG A 404 2.51 9.09 21.13
N LYS A 405 1.19 9.22 21.07
CA LYS A 405 0.30 8.60 22.05
C LYS A 405 -0.09 7.21 21.53
N LEU A 406 0.37 6.17 22.23
CA LEU A 406 0.28 4.81 21.72
C LEU A 406 -0.68 3.99 22.59
N ASN A 407 -1.73 3.50 21.96
CA ASN A 407 -2.64 2.56 22.61
C ASN A 407 -2.53 1.24 21.84
N TYR A 408 -1.74 0.31 22.37
CA TYR A 408 -1.49 -0.95 21.67
C TYR A 408 -2.70 -1.88 21.73
N THR A 409 -3.53 -1.77 22.79
CA THR A 409 -4.75 -2.55 22.88
CA THR A 409 -4.73 -2.59 22.84
C THR A 409 -5.71 -2.22 21.75
N LEU A 410 -5.70 -0.97 21.27
CA LEU A 410 -6.56 -0.55 20.17
C LEU A 410 -5.88 -0.69 18.82
N ARG A 411 -4.55 -0.53 18.74
CA ARG A 411 -3.86 -0.76 17.48
C ARG A 411 -3.90 -2.24 17.12
N TYR A 412 -3.75 -3.11 18.11
CA TYR A 412 -3.75 -4.54 17.93
C TYR A 412 -4.90 -5.16 18.70
N ILE A 413 -6.13 -4.76 18.35
CA ILE A 413 -7.31 -5.38 18.94
C ILE A 413 -7.30 -6.88 18.65
N SER A 414 -7.94 -7.64 19.53
CA SER A 414 -8.03 -9.10 19.36
C SER A 414 -9.44 -9.60 19.68
N PRO A 415 -10.45 -9.13 18.94
CA PRO A 415 -11.79 -9.71 19.11
C PRO A 415 -11.80 -11.20 18.75
N PHE A 416 -12.84 -11.90 19.18
CA PHE A 416 -13.08 -13.30 18.84
C PHE A 416 -12.02 -14.22 19.42
N LYS A 417 -11.44 -13.83 20.57
CA LYS A 417 -10.25 -14.49 21.09
C LYS A 417 -10.48 -15.96 21.37
N ASP A 418 -11.52 -16.30 22.13
CA ASP A 418 -11.76 -17.68 22.51
C ASP A 418 -11.98 -18.59 21.31
N THR A 419 -12.37 -18.01 20.17
CA THR A 419 -12.56 -18.76 18.93
C THR A 419 -11.26 -18.87 18.14
N VAL A 420 -10.60 -17.73 17.93
CA VAL A 420 -9.39 -17.74 17.15
C VAL A 420 -8.31 -18.55 17.85
N ILE A 421 -8.25 -18.46 19.19
CA ILE A 421 -7.24 -19.21 19.94
C ILE A 421 -7.46 -20.71 19.79
N ARG A 422 -8.71 -21.16 19.84
CA ARG A 422 -8.97 -22.59 19.78
C ARG A 422 -8.67 -23.15 18.40
N HIS A 423 -9.08 -22.44 17.34
CA HIS A 423 -8.80 -22.92 15.99
C HIS A 423 -7.32 -22.90 15.68
N ALA A 424 -6.58 -21.91 16.19
CA ALA A 424 -5.13 -21.94 16.03
C ALA A 424 -4.53 -23.15 16.74
N GLN A 425 -4.90 -23.36 18.01
CA GLN A 425 -4.35 -24.52 18.74
C GLN A 425 -4.71 -25.84 18.07
N ASN A 426 -5.92 -25.94 17.51
CA ASN A 426 -6.35 -27.19 16.89
C ASN A 426 -5.45 -27.62 15.73
N VAL A 427 -4.78 -26.67 15.07
CA VAL A 427 -3.82 -27.01 14.02
C VAL A 427 -2.40 -26.66 14.42
N ASN A 428 -2.17 -26.36 15.71
CA ASN A 428 -0.82 -26.16 16.26
C ASN A 428 -0.06 -25.04 15.53
N VAL A 429 -0.72 -23.89 15.38
CA VAL A 429 -0.06 -22.71 14.84
C VAL A 429 -0.18 -21.61 15.87
N ASP A 430 0.78 -20.70 15.82
CA ASP A 430 0.90 -19.62 16.78
C ASP A 430 -0.27 -18.66 16.68
N PRO A 431 -1.07 -18.48 17.74
CA PRO A 431 -2.20 -17.54 17.67
C PRO A 431 -1.79 -16.09 17.46
N ALA A 432 -0.59 -15.69 17.91
CA ALA A 432 -0.09 -14.36 17.58
C ALA A 432 0.15 -14.19 16.09
N TRP A 433 0.54 -15.27 15.43
CA TRP A 433 0.71 -15.23 13.99
C TRP A 433 -0.64 -15.13 13.29
N VAL A 434 -1.62 -15.88 13.77
CA VAL A 434 -2.96 -15.87 13.18
C VAL A 434 -3.60 -14.49 13.32
N TYR A 435 -3.54 -13.90 14.54
CA TYR A 435 -4.04 -12.54 14.71
C TYR A 435 -3.32 -11.55 13.81
N GLY A 436 -2.00 -11.70 13.68
CA GLY A 436 -1.26 -10.82 12.79
C GLY A 436 -1.75 -10.92 11.36
N LEU A 437 -2.04 -12.15 10.93
CA LEU A 437 -2.58 -12.38 9.59
C LEU A 437 -3.96 -11.76 9.42
N ILE A 438 -4.87 -12.05 10.35
CA ILE A 438 -6.21 -11.48 10.26
C ILE A 438 -6.15 -9.97 10.22
N ARG A 439 -5.27 -9.36 11.03
CA ARG A 439 -5.27 -7.89 11.11
C ARG A 439 -4.95 -7.31 9.76
N GLN A 440 -4.02 -7.93 9.04
CA GLN A 440 -3.64 -7.46 7.71
C GLN A 440 -4.71 -7.82 6.67
N GLU A 441 -5.27 -9.02 6.75
CA GLU A 441 -6.16 -9.49 5.70
C GLU A 441 -7.46 -8.70 5.68
N SER A 442 -8.11 -8.57 6.83
CA SER A 442 -9.48 -8.10 6.91
C SER A 442 -9.68 -6.95 7.88
N ARG A 443 -8.68 -6.65 8.72
CA ARG A 443 -8.84 -5.72 9.84
C ARG A 443 -10.05 -6.10 10.71
N PHE A 444 -10.32 -7.40 10.82
CA PHE A 444 -11.35 -7.98 11.70
C PHE A 444 -12.76 -7.72 11.21
N VAL A 445 -12.92 -7.50 9.91
CA VAL A 445 -14.23 -7.30 9.28
C VAL A 445 -14.71 -8.67 8.83
N ILE A 446 -15.79 -9.15 9.46
CA ILE A 446 -16.16 -10.55 9.22
C ILE A 446 -16.70 -10.76 7.81
N GLY A 447 -17.24 -9.73 7.16
CA GLY A 447 -17.74 -9.86 5.80
C GLY A 447 -16.83 -9.30 4.74
N ALA A 448 -15.58 -8.98 5.09
CA ALA A 448 -14.60 -8.45 4.15
C ALA A 448 -14.58 -9.28 2.87
N GLN A 449 -14.32 -8.61 1.75
CA GLN A 449 -14.31 -9.25 0.43
C GLN A 449 -13.40 -8.44 -0.48
N SER A 450 -12.30 -9.04 -0.91
CA SER A 450 -11.35 -8.33 -1.77
C SER A 450 -11.87 -8.31 -3.21
N ARG A 451 -11.14 -7.62 -4.10
CA ARG A 451 -11.62 -7.52 -5.48
C ARG A 451 -11.62 -8.89 -6.15
N VAL A 452 -10.64 -9.76 -5.82
CA VAL A 452 -10.53 -11.05 -6.48
C VAL A 452 -11.41 -12.11 -5.82
N GLY A 453 -12.19 -11.74 -4.80
CA GLY A 453 -13.13 -12.66 -4.21
C GLY A 453 -12.74 -13.25 -2.89
N ALA A 454 -11.56 -12.93 -2.37
CA ALA A 454 -11.15 -13.49 -1.09
C ALA A 454 -12.11 -13.02 0.00
N GLN A 455 -12.48 -13.94 0.89
CA GLN A 455 -13.67 -13.80 1.72
C GLN A 455 -13.37 -13.91 3.20
N GLY A 456 -14.01 -13.04 3.98
CA GLY A 456 -14.08 -13.25 5.41
C GLY A 456 -12.84 -12.80 6.16
N LEU A 457 -12.80 -13.17 7.45
CA LEU A 457 -11.76 -12.67 8.34
C LEU A 457 -10.36 -13.03 7.85
N MET A 458 -10.22 -14.19 7.23
CA MET A 458 -8.89 -14.67 6.84
C MET A 458 -8.69 -14.61 5.34
N GLN A 459 -9.67 -14.06 4.62
CA GLN A 459 -9.55 -13.74 3.20
C GLN A 459 -9.16 -15.00 2.42
N VAL A 460 -9.98 -16.01 2.60
CA VAL A 460 -9.80 -17.29 1.93
C VAL A 460 -10.48 -17.23 0.57
N MET A 461 -9.76 -17.61 -0.48
CA MET A 461 -10.37 -17.63 -1.79
C MET A 461 -11.42 -18.73 -1.87
N PRO A 462 -12.53 -18.49 -2.59
CA PRO A 462 -13.53 -19.56 -2.72
C PRO A 462 -12.97 -20.83 -3.35
N ALA A 463 -12.14 -20.70 -4.39
CA ALA A 463 -11.41 -21.85 -4.91
C ALA A 463 -10.71 -22.60 -3.78
N THR A 464 -9.83 -21.92 -3.06
CA THR A 464 -9.10 -22.54 -1.95
C THR A 464 -10.04 -23.18 -0.93
N ALA A 465 -11.16 -22.51 -0.63
CA ALA A 465 -12.12 -23.07 0.32
C ALA A 465 -12.60 -24.44 -0.14
N ARG A 466 -12.71 -24.63 -1.46
CA ARG A 466 -13.17 -25.89 -2.01
C ARG A 466 -12.12 -27.00 -1.85
N GLU A 467 -10.82 -26.70 -2.02
CA GLU A 467 -9.80 -27.69 -1.68
C GLU A 467 -9.80 -28.00 -0.19
N ILE A 468 -9.75 -26.97 0.64
CA ILE A 468 -9.72 -27.18 2.09
C ILE A 468 -10.89 -28.06 2.51
N ALA A 469 -12.10 -27.70 2.10
CA ALA A 469 -13.30 -28.32 2.66
C ALA A 469 -13.33 -29.82 2.36
N GLY A 470 -12.87 -30.22 1.17
CA GLY A 470 -12.83 -31.62 0.84
C GLY A 470 -11.81 -32.40 1.65
N LYS A 471 -10.70 -31.75 2.01
CA LYS A 471 -9.65 -32.43 2.77
C LYS A 471 -10.04 -32.65 4.22
N ILE A 472 -10.83 -31.74 4.80
CA ILE A 472 -11.11 -31.80 6.21
C ILE A 472 -12.59 -32.03 6.50
N GLY A 473 -13.36 -32.40 5.49
CA GLY A 473 -14.77 -32.67 5.69
C GLY A 473 -15.57 -31.50 6.21
N MET A 474 -15.44 -30.35 5.55
CA MET A 474 -16.34 -29.24 5.78
C MET A 474 -17.24 -29.05 4.56
N ASP A 475 -18.22 -28.18 4.73
CA ASP A 475 -18.97 -27.67 3.59
C ASP A 475 -18.27 -26.40 3.11
N ALA A 476 -17.95 -26.34 1.81
CA ALA A 476 -17.21 -25.19 1.29
C ALA A 476 -17.93 -23.87 1.56
N ALA A 477 -19.23 -23.88 1.79
CA ALA A 477 -19.96 -22.65 2.07
C ALA A 477 -19.77 -22.16 3.50
N GLN A 478 -19.26 -23.01 4.40
CA GLN A 478 -18.83 -22.52 5.71
C GLN A 478 -17.78 -21.41 5.59
N LEU A 479 -17.16 -21.26 4.41
CA LEU A 479 -16.28 -20.12 4.13
C LEU A 479 -16.93 -18.78 4.50
N TYR A 480 -18.25 -18.67 4.35
CA TYR A 480 -18.95 -17.40 4.52
C TYR A 480 -19.48 -17.16 5.93
N THR A 481 -19.20 -18.07 6.87
CA THR A 481 -19.45 -17.84 8.29
C THR A 481 -18.14 -17.60 9.02
N ALA A 482 -18.20 -16.83 10.11
CA ALA A 482 -16.98 -16.43 10.80
C ALA A 482 -16.20 -17.64 11.32
N ASP A 483 -16.91 -18.57 11.96
CA ASP A 483 -16.26 -19.73 12.55
C ASP A 483 -15.65 -20.63 11.48
N GLY A 484 -16.41 -20.88 10.41
CA GLY A 484 -15.89 -21.71 9.33
C GLY A 484 -14.69 -21.07 8.65
N ASN A 485 -14.72 -19.75 8.50
CA ASN A 485 -13.64 -19.01 7.86
C ASN A 485 -12.35 -19.12 8.65
N ILE A 486 -12.43 -18.92 9.98
CA ILE A 486 -11.26 -19.03 10.84
C ILE A 486 -10.72 -20.46 10.83
N ARG A 487 -11.60 -21.46 10.84
CA ARG A 487 -11.14 -22.84 10.77
C ARG A 487 -10.41 -23.10 9.45
N MET A 488 -11.00 -22.67 8.33
CA MET A 488 -10.35 -22.87 7.03
C MET A 488 -9.03 -22.07 6.93
N GLY A 489 -9.05 -20.81 7.32
CA GLY A 489 -7.86 -19.99 7.26
C GLY A 489 -6.72 -20.53 8.11
N THR A 490 -7.02 -20.89 9.37
CA THR A 490 -6.00 -21.45 10.25
C THR A 490 -5.49 -22.76 9.71
N TRP A 491 -6.39 -23.62 9.19
CA TRP A 491 -5.93 -24.89 8.62
C TRP A 491 -5.03 -24.67 7.42
N TYR A 492 -5.38 -23.70 6.58
CA TYR A 492 -4.59 -23.40 5.41
C TYR A 492 -3.24 -22.83 5.80
N MET A 493 -3.19 -21.99 6.85
CA MET A 493 -1.87 -21.60 7.38
C MET A 493 -1.03 -22.82 7.75
N ALA A 494 -1.61 -23.76 8.50
CA ALA A 494 -0.87 -24.95 8.92
C ALA A 494 -0.46 -25.78 7.72
N ASP A 495 -1.37 -25.97 6.77
CA ASP A 495 -1.12 -26.84 5.63
C ASP A 495 -0.04 -26.27 4.71
N THR A 496 -0.14 -24.97 4.42
CA THR A 496 0.87 -24.31 3.60
C THR A 496 2.21 -24.35 4.29
N LYS A 497 2.23 -24.17 5.60
CA LYS A 497 3.49 -24.29 6.34
C LYS A 497 4.09 -25.68 6.18
N ARG A 498 3.27 -26.73 6.25
CA ARG A 498 3.80 -28.09 6.12
C ARG A 498 4.42 -28.32 4.74
N ARG A 499 3.79 -27.77 3.69
CA ARG A 499 4.28 -27.94 2.33
C ARG A 499 5.49 -27.07 2.02
N LEU A 500 5.87 -26.18 2.93
CA LEU A 500 6.95 -25.22 2.67
C LEU A 500 8.04 -25.41 3.72
N GLN A 501 8.44 -26.66 3.94
CA GLN A 501 9.56 -26.97 4.83
C GLN A 501 9.30 -26.43 6.24
N ASN A 502 8.01 -26.30 6.59
CA ASN A 502 7.60 -25.89 7.92
C ASN A 502 8.13 -24.53 8.32
N ASN A 503 8.31 -23.63 7.36
CA ASN A 503 8.87 -22.32 7.65
C ASN A 503 7.73 -21.30 7.69
N GLU A 504 7.66 -20.51 8.76
CA GLU A 504 6.53 -19.59 8.92
C GLU A 504 6.63 -18.38 7.99
N VAL A 505 7.84 -17.96 7.62
CA VAL A 505 7.96 -16.89 6.64
C VAL A 505 7.49 -17.39 5.28
N LEU A 506 7.92 -18.58 4.89
CA LEU A 506 7.46 -19.11 3.62
C LEU A 506 5.95 -19.24 3.60
N ALA A 507 5.37 -19.69 4.73
CA ALA A 507 3.94 -19.98 4.80
C ALA A 507 3.11 -18.70 4.66
N THR A 508 3.60 -17.59 5.22
CA THR A 508 2.92 -16.30 5.05
C THR A 508 2.95 -15.86 3.59
N ALA A 509 4.11 -15.93 2.95
CA ALA A 509 4.17 -15.65 1.51
C ALA A 509 3.27 -16.60 0.74
N GLY A 510 3.29 -17.89 1.11
CA GLY A 510 2.48 -18.87 0.40
C GLY A 510 1.00 -18.74 0.66
N TYR A 511 0.61 -18.23 1.84
CA TYR A 511 -0.82 -17.97 2.08
C TYR A 511 -1.36 -16.96 1.09
N ASN A 512 -0.56 -15.94 0.76
CA ASN A 512 -1.00 -14.84 -0.09
C ASN A 512 -0.76 -15.09 -1.57
N ALA A 513 0.39 -15.67 -1.93
CA ALA A 513 0.75 -15.91 -3.32
C ALA A 513 0.59 -17.36 -3.76
N GLY A 514 0.41 -18.30 -2.85
CA GLY A 514 0.35 -19.70 -3.17
C GLY A 514 1.68 -20.37 -2.89
N PRO A 515 1.64 -21.57 -2.33
CA PRO A 515 2.91 -22.22 -1.94
C PRO A 515 3.88 -22.43 -3.09
N GLY A 516 3.38 -22.63 -4.32
CA GLY A 516 4.29 -22.86 -5.43
C GLY A 516 5.11 -21.63 -5.76
N ARG A 517 4.53 -20.44 -5.63
CA ARG A 517 5.28 -19.21 -5.85
C ARG A 517 6.25 -18.97 -4.71
N ALA A 518 5.81 -19.20 -3.47
CA ALA A 518 6.70 -18.97 -2.34
C ALA A 518 7.93 -19.86 -2.42
N ARG A 519 7.75 -21.12 -2.85
N ARG A 519 7.73 -21.11 -2.86
CA ARG A 519 8.90 -22.01 -2.97
CA ARG A 519 8.84 -22.05 -3.01
C ARG A 519 9.84 -21.54 -4.08
C ARG A 519 9.81 -21.60 -4.09
N ARG A 520 9.28 -21.00 -5.17
CA ARG A 520 10.11 -20.51 -6.28
C ARG A 520 10.99 -19.34 -5.87
N TRP A 521 10.64 -18.61 -4.82
CA TRP A 521 11.44 -17.46 -4.40
C TRP A 521 12.54 -17.84 -3.42
N GLN A 522 12.58 -19.08 -2.95
CA GLN A 522 13.68 -19.49 -2.11
C GLN A 522 14.95 -19.52 -2.96
N ALA A 523 16.09 -19.34 -2.31
CA ALA A 523 17.38 -19.40 -2.99
C ALA A 523 18.00 -20.79 -2.84
N ASP A 524 19.11 -21.00 -3.54
CA ASP A 524 19.84 -22.25 -3.37
C ASP A 524 20.74 -22.22 -2.15
N THR A 525 20.77 -21.12 -1.42
CA THR A 525 21.35 -21.02 -0.08
C THR A 525 20.26 -20.57 0.87
N PRO A 526 20.44 -20.76 2.18
CA PRO A 526 19.47 -20.19 3.12
C PRO A 526 19.52 -18.67 3.08
N LEU A 527 18.40 -18.06 3.40
CA LEU A 527 18.28 -16.61 3.45
C LEU A 527 17.74 -16.20 4.81
N GLU A 528 18.29 -15.12 5.35
CA GLU A 528 17.68 -14.50 6.52
C GLU A 528 16.24 -14.09 6.17
N GLY A 529 15.33 -14.31 7.12
CA GLY A 529 13.91 -14.16 6.82
C GLY A 529 13.58 -12.81 6.20
N ALA A 530 14.15 -11.74 6.75
CA ALA A 530 13.83 -10.40 6.24
C ALA A 530 14.42 -10.18 4.86
N VAL A 531 15.54 -10.83 4.52
CA VAL A 531 16.07 -10.74 3.16
C VAL A 531 15.14 -11.45 2.18
N TYR A 532 14.71 -12.67 2.53
CA TYR A 532 13.69 -13.33 1.72
C TYR A 532 12.45 -12.45 1.56
N ALA A 533 11.97 -11.84 2.66
CA ALA A 533 10.76 -11.04 2.60
C ALA A 533 10.94 -9.81 1.71
N GLU A 534 12.04 -9.07 1.91
CA GLU A 534 12.24 -7.86 1.14
C GLU A 534 12.53 -8.13 -0.34
N THR A 535 12.84 -9.37 -0.75
CA THR A 535 13.12 -9.63 -2.16
C THR A 535 12.05 -10.48 -2.81
N ILE A 536 10.88 -10.55 -2.20
CA ILE A 536 9.71 -11.17 -2.83
C ILE A 536 9.32 -10.41 -4.09
N PRO A 537 9.18 -11.07 -5.24
CA PRO A 537 8.95 -10.34 -6.48
C PRO A 537 7.59 -9.66 -6.58
N PHE A 538 6.54 -10.21 -5.96
CA PHE A 538 5.21 -9.59 -5.99
C PHE A 538 5.14 -8.50 -4.92
N SER A 539 4.89 -7.25 -5.35
CA SER A 539 4.83 -6.16 -4.38
C SER A 539 3.74 -6.40 -3.33
N GLU A 540 2.59 -6.93 -3.75
CA GLU A 540 1.51 -7.19 -2.80
C GLU A 540 1.93 -8.19 -1.72
N THR A 541 2.59 -9.28 -2.12
CA THR A 541 3.01 -10.27 -1.14
C THR A 541 4.20 -9.79 -0.33
N ARG A 542 5.09 -9.02 -0.94
CA ARG A 542 6.24 -8.50 -0.21
C ARG A 542 5.78 -7.60 0.92
N ASP A 543 4.89 -6.66 0.62
N ASP A 543 4.90 -6.64 0.61
CA ASP A 543 4.34 -5.79 1.67
CA ASP A 543 4.31 -5.79 1.65
C ASP A 543 3.55 -6.61 2.69
C ASP A 543 3.56 -6.62 2.68
N TYR A 544 2.79 -7.61 2.22
CA TYR A 544 1.96 -8.44 3.09
C TYR A 544 2.78 -9.23 4.13
N VAL A 545 3.84 -9.89 3.69
CA VAL A 545 4.62 -10.71 4.62
C VAL A 545 5.20 -9.85 5.74
N LYS A 546 5.71 -8.67 5.37
CA LYS A 546 6.32 -7.80 6.37
C LYS A 546 5.30 -7.31 7.38
N LYS A 547 4.08 -7.00 6.92
CA LYS A 547 3.06 -6.48 7.83
C LYS A 547 2.50 -7.58 8.72
N VAL A 548 2.32 -8.78 8.16
CA VAL A 548 1.83 -9.91 8.96
C VAL A 548 2.81 -10.23 10.08
N MET A 549 4.10 -10.31 9.74
CA MET A 549 5.09 -10.69 10.72
C MET A 549 5.30 -9.58 11.75
N ALA A 550 5.20 -8.32 11.33
CA ALA A 550 5.25 -7.21 12.28
C ALA A 550 4.04 -7.21 13.21
N ASN A 551 2.84 -7.41 12.66
CA ASN A 551 1.67 -7.59 13.52
C ASN A 551 1.88 -8.76 14.48
N ALA A 552 2.39 -9.90 13.98
CA ALA A 552 2.59 -11.08 14.83
C ALA A 552 3.49 -10.78 16.02
N ALA A 553 4.55 -9.99 15.82
CA ALA A 553 5.42 -9.63 16.93
C ALA A 553 4.71 -8.74 17.95
N TYR A 554 3.87 -7.81 17.48
CA TYR A 554 3.12 -7.00 18.42
C TYR A 554 2.11 -7.83 19.20
N TYR A 555 1.38 -8.72 18.52
CA TYR A 555 0.39 -9.56 19.20
C TYR A 555 1.05 -10.46 20.23
N ALA A 556 2.22 -11.02 19.90
CA ALA A 556 2.92 -11.93 20.81
C ALA A 556 3.35 -11.19 22.07
N ALA A 557 3.84 -9.96 21.91
CA ALA A 557 4.17 -9.14 23.08
C ALA A 557 2.92 -8.80 23.87
N LEU A 558 1.80 -8.53 23.18
CA LEU A 558 0.56 -8.19 23.89
C LEU A 558 0.03 -9.37 24.69
N PHE A 559 0.03 -10.57 24.09
CA PHE A 559 -0.52 -11.74 24.75
C PHE A 559 0.35 -12.24 25.91
N GLY A 560 1.55 -11.69 26.07
CA GLY A 560 2.41 -12.18 27.14
C GLY A 560 2.97 -13.56 26.87
N ALA A 561 3.27 -13.86 25.61
CA ALA A 561 3.89 -15.12 25.22
C ALA A 561 5.39 -15.06 25.48
N PRO A 562 6.05 -16.22 25.63
CA PRO A 562 7.51 -16.22 25.70
C PRO A 562 8.12 -15.36 24.59
N HIS A 563 9.03 -14.47 25.00
CA HIS A 563 9.50 -13.42 24.10
C HIS A 563 10.28 -14.00 22.93
N ILE A 564 9.94 -13.54 21.74
CA ILE A 564 10.59 -13.92 20.49
C ILE A 564 10.91 -12.62 19.77
N PRO A 565 12.16 -12.23 19.59
CA PRO A 565 12.44 -11.04 18.77
C PRO A 565 11.94 -11.28 17.36
N LEU A 566 11.47 -10.21 16.71
CA LEU A 566 11.01 -10.32 15.33
C LEU A 566 12.11 -10.86 14.43
N LYS A 567 13.37 -10.52 14.71
CA LYS A 567 14.46 -10.99 13.87
C LYS A 567 14.56 -12.51 13.90
N GLN A 568 14.31 -13.12 15.07
CA GLN A 568 14.27 -14.58 15.17
C GLN A 568 12.94 -15.17 14.69
N ARG A 569 11.82 -14.46 14.86
CA ARG A 569 10.60 -14.89 14.17
C ARG A 569 10.81 -14.98 12.66
N MET A 570 11.63 -14.10 12.10
CA MET A 570 11.97 -14.20 10.68
C MET A 570 12.95 -15.34 10.40
N GLY A 571 13.77 -15.70 11.38
CA GLY A 571 14.62 -16.88 11.31
C GLY A 571 15.45 -16.94 10.05
N ILE A 572 15.56 -18.16 9.51
CA ILE A 572 16.36 -18.44 8.33
C ILE A 572 15.50 -19.25 7.37
N VAL A 573 15.26 -18.73 6.19
CA VAL A 573 14.49 -19.48 5.20
C VAL A 573 15.41 -20.50 4.56
N PRO A 574 15.03 -21.78 4.50
CA PRO A 574 15.95 -22.82 4.03
C PRO A 574 16.22 -22.69 2.53
N ALA A 575 17.40 -23.13 2.12
CA ALA A 575 17.64 -23.36 0.70
C ALA A 575 16.61 -24.33 0.13
N ARG A 576 16.43 -24.26 -1.18
CA ARG A 576 15.67 -25.30 -1.89
C ARG A 576 16.41 -26.65 -1.93
C1 BLG B . -4.47 -16.58 -2.12
C2 BLG B . -4.89 -18.01 -1.78
C3 BLG B . -4.01 -19.09 -2.32
C4 BLG B . -3.69 -18.86 -3.77
C5 BLG B . -3.32 -17.39 -4.05
O5 BLG B . -4.34 -16.44 -3.58
O1 BLG B . -5.48 -15.72 -1.72
N2 BLG B . -4.83 -18.05 -0.30
C7 BLG B . -6.08 -18.37 0.38
O7 BLG B . -7.07 -18.59 -0.25
C8 BLG B . -6.01 -18.41 1.92
O3 BLG B . -4.67 -20.37 -2.09
O4 BLG B . -2.53 -19.63 -4.09
S4 BLG B . -2.75 -20.83 -5.25
O41 BLG B . -3.19 -20.21 -6.57
O42 BLG B . -3.94 -21.70 -4.90
O43 BLG B . -1.48 -21.62 -5.42
C6 BLG B . -3.13 -17.15 -5.52
O6 BLG B . -4.35 -17.29 -6.12
CA BLG B . -5.76 -13.99 -0.30
CB BLG B . -5.06 -14.41 -1.38
CG BLG B . -5.59 -13.37 -2.53
CD BLG B . -5.39 -12.17 -1.90
N BLG B . -5.84 -12.43 -0.43
C9 BLG B . -5.14 -14.27 1.08
O9 BLG B . -3.83 -13.69 1.17
C10 BLG B . -6.23 -10.99 -2.41
O10 BLG B . -7.42 -10.99 -2.29
N3 BLG B . -5.52 -9.84 -3.00
C11 BLG B . -6.28 -8.66 -3.44
C12 BLG B . -6.53 -7.86 -2.07
S BLG B . -7.25 -6.20 -2.37
OS1 BLG B . -7.18 -5.39 -1.10
OS2 BLG B . -8.74 -6.27 -2.63
OS3 BLG B . -6.51 -5.53 -3.51
MG MG C . -6.36 -6.85 2.43
MG MG D . 4.71 -6.63 -8.61
C2' NHE E . 5.33 5.04 9.01
C1' NHE E . 5.44 3.52 8.95
C6' NHE E . 5.13 3.06 7.54
N NHE E . 4.67 2.80 9.98
C1 NHE E . 3.63 3.63 10.60
C2 NHE E . 3.89 3.82 12.11
S NHE E . 2.35 4.44 12.78
O1 NHE E . 1.24 3.54 12.27
O2 NHE E . 1.99 5.78 12.13
O3 NHE E . 2.36 4.54 14.28
C5' NHE E . 6.15 3.63 6.55
C4' NHE E . 6.41 5.13 6.71
#